data_6FAE
#
_entry.id   6FAE
#
_cell.length_a   50.995
_cell.length_b   92.744
_cell.length_c   66.895
_cell.angle_alpha   90.00
_cell.angle_beta   105.53
_cell.angle_gamma   90.00
#
_symmetry.space_group_name_H-M   'P 1 21 1'
#
loop_
_entity.id
_entity.type
_entity.pdbx_description
1 polymer 'IQ motif and SEC7 domain-containing protein 2'
2 polymer 'ADP-ribosylation factor 1'
3 non-polymer 1,2-ETHANEDIOL
4 water water
#
loop_
_entity_poly.entity_id
_entity_poly.type
_entity_poly.pdbx_seq_one_letter_code
_entity_poly.pdbx_strand_id
1 'polypeptide(L)'
;MCKQTYQRETRHSWDSPAFNNDVVQRRHYRIGLNLFNKKPEKGIQYLIERGFLSDTPVGVAHFILERKGLSRQMIGEFLG
NRQKQFNRDVLDCVVDEMDFSSMDLDDALRKFQSHIRVQGEAQKVERLIEAFSQRYCVCNPALVRQFRNPDTIFILAFAI
ILLNTDMYSPSVKAERKMKLDDFIKNLRGVDNGEDIPRDLLVGIYQRIQGRELRTNDDHVSQVQAVERMIVGKKPVLSLP
HRRLVCCCQLYEVPDPNRPQRLGLHQREVFLFNDLLVVTKIFQKKKILVTYSFRQSFPLVEMHMQLFQNSYYQFGIKLLS
AVPGGERKVLIIFNAPSLQDRLRFTSDLRESIAEVQEMEKYRVESELEKQK
;
A
2 'polypeptide(L)'
;MSSGASWSHPQFEKGGGSGGGSGGSAWSHPQFEKGSGVDLGTENLYFQSMRILMVGLDAAGKTTILYKLKLGEIVTTIPT
IGFNVETVEYKNISFTVWDVGGQDKIRPLWRHYFQNTQGLIFVVDSNDRERVNEAREELMRMLAEDELRDAVLLVFANKQ
DLPNAMNAAEITDKLGLHSLRHRNWYIQATCATSGDGLYEGLDWLSNQLRNQK
;
B
#
# COMPACT_ATOMS: atom_id res chain seq x y z
N ASN A 21 -1.23 -25.62 -25.81
CA ASN A 21 -1.65 -24.30 -26.24
C ASN A 21 -2.65 -23.69 -25.25
N ASP A 22 -3.54 -24.53 -24.71
CA ASP A 22 -4.51 -24.05 -23.74
C ASP A 22 -3.84 -23.64 -22.44
N VAL A 23 -2.87 -24.42 -21.99
CA VAL A 23 -2.14 -24.06 -20.78
C VAL A 23 -1.29 -22.81 -21.00
N VAL A 24 -0.77 -22.63 -22.22
CA VAL A 24 0.08 -21.48 -22.49
C VAL A 24 -0.75 -20.19 -22.47
N GLN A 25 -2.05 -20.28 -22.76
CA GLN A 25 -2.88 -19.08 -22.77
C GLN A 25 -3.30 -18.67 -21.37
N ARG A 26 -3.68 -19.64 -20.52
CA ARG A 26 -3.91 -19.32 -19.13
C ARG A 26 -2.64 -18.83 -18.45
N ARG A 27 -1.47 -19.26 -18.95
CA ARG A 27 -0.21 -18.72 -18.47
C ARG A 27 -0.05 -17.26 -18.86
N HIS A 28 -0.25 -16.96 -20.16
CA HIS A 28 -0.18 -15.58 -20.61
C HIS A 28 -1.19 -14.70 -19.86
N TYR A 29 -2.37 -15.26 -19.56
CA TYR A 29 -3.34 -14.53 -18.75
C TYR A 29 -2.76 -14.18 -17.39
N ARG A 30 -2.26 -15.18 -16.66
CA ARG A 30 -1.64 -14.91 -15.36
C ARG A 30 -0.51 -13.91 -15.47
N ILE A 31 0.24 -13.93 -16.58
CA ILE A 31 1.27 -12.91 -16.79
C ILE A 31 0.63 -11.53 -16.77
N GLY A 32 -0.52 -11.38 -17.43
CA GLY A 32 -1.21 -10.10 -17.40
C GLY A 32 -1.54 -9.66 -15.99
N LEU A 33 -2.04 -10.59 -15.17
CA LEU A 33 -2.33 -10.26 -13.78
C LEU A 33 -1.06 -9.84 -13.03
N ASN A 34 0.02 -10.60 -13.22
CA ASN A 34 1.29 -10.24 -12.57
C ASN A 34 1.71 -8.82 -12.94
N LEU A 35 1.64 -8.48 -14.23
CA LEU A 35 2.07 -7.16 -14.67
C LEU A 35 1.20 -6.07 -14.04
N PHE A 36 -0.11 -6.27 -13.97
CA PHE A 36 -0.97 -5.30 -13.31
C PHE A 36 -0.56 -5.12 -11.84
N ASN A 37 -0.29 -6.22 -11.16
CA ASN A 37 0.06 -6.15 -9.74
C ASN A 37 1.41 -5.51 -9.48
N LYS A 38 2.22 -5.28 -10.52
CA LYS A 38 3.45 -4.51 -10.40
C LYS A 38 3.28 -3.08 -10.89
N LYS A 39 2.82 -2.91 -12.12
CA LYS A 39 2.39 -1.62 -12.64
C LYS A 39 1.06 -1.81 -13.35
N PRO A 40 -0.05 -1.40 -12.75
CA PRO A 40 -1.37 -1.72 -13.30
C PRO A 40 -1.56 -1.33 -14.77
N GLU A 41 -1.11 -0.14 -15.18
CA GLU A 41 -1.36 0.29 -16.56
C GLU A 41 -0.59 -0.54 -17.57
N LYS A 42 0.52 -1.18 -17.16
CA LYS A 42 1.21 -2.09 -18.05
C LYS A 42 0.50 -3.43 -18.15
N GLY A 43 -0.15 -3.87 -17.07
CA GLY A 43 -0.96 -5.07 -17.15
C GLY A 43 -2.22 -4.85 -17.98
N ILE A 44 -2.85 -3.69 -17.81
CA ILE A 44 -4.01 -3.34 -18.64
C ILE A 44 -3.61 -3.36 -20.11
N GLN A 45 -2.51 -2.69 -20.45
CA GLN A 45 -2.01 -2.73 -21.83
C GLN A 45 -1.75 -4.16 -22.28
N TYR A 46 -1.09 -4.95 -21.42
CA TYR A 46 -0.77 -6.32 -21.77
C TYR A 46 -2.03 -7.13 -22.07
N LEU A 47 -2.97 -7.16 -21.12
CA LEU A 47 -4.17 -7.96 -21.29
C LEU A 47 -4.98 -7.52 -22.51
N ILE A 48 -4.90 -6.24 -22.86
CA ILE A 48 -5.64 -5.74 -24.01
C ILE A 48 -5.03 -6.24 -25.31
N GLU A 49 -3.71 -6.12 -25.44
CA GLU A 49 -3.03 -6.58 -26.66
C GLU A 49 -3.24 -8.07 -26.87
N ARG A 50 -3.03 -8.87 -25.81
CA ARG A 50 -3.19 -10.32 -25.92
C ARG A 50 -4.62 -10.75 -26.16
N GLY A 51 -5.57 -9.81 -26.13
CA GLY A 51 -6.96 -10.14 -26.41
C GLY A 51 -7.77 -10.64 -25.23
N PHE A 52 -7.33 -10.35 -24.01
CA PHE A 52 -8.07 -10.78 -22.82
C PHE A 52 -9.04 -9.73 -22.31
N LEU A 53 -8.87 -8.46 -22.68
CA LEU A 53 -9.59 -7.37 -22.05
C LEU A 53 -10.05 -6.35 -23.08
N SER A 54 -11.24 -5.80 -22.86
CA SER A 54 -11.71 -4.68 -23.66
C SER A 54 -10.96 -3.42 -23.29
N ASP A 55 -10.72 -2.56 -24.28
CA ASP A 55 -9.92 -1.36 -24.07
C ASP A 55 -10.72 -0.16 -23.60
N THR A 56 -12.04 -0.31 -23.42
CA THR A 56 -12.84 0.80 -22.93
C THR A 56 -12.75 0.87 -21.40
N PRO A 57 -12.86 2.08 -20.84
CA PRO A 57 -12.81 2.21 -19.38
C PRO A 57 -13.90 1.43 -18.66
N VAL A 58 -15.03 1.15 -19.31
CA VAL A 58 -16.07 0.38 -18.65
C VAL A 58 -15.73 -1.10 -18.63
N GLY A 59 -15.03 -1.60 -19.65
CA GLY A 59 -14.57 -2.97 -19.62
C GLY A 59 -13.50 -3.19 -18.56
N VAL A 60 -12.57 -2.24 -18.43
CA VAL A 60 -11.55 -2.33 -17.39
C VAL A 60 -12.20 -2.26 -16.02
N ALA A 61 -13.27 -1.48 -15.88
CA ALA A 61 -13.96 -1.39 -14.60
C ALA A 61 -14.59 -2.72 -14.22
N HIS A 62 -15.19 -3.41 -15.18
CA HIS A 62 -15.74 -4.74 -14.91
C HIS A 62 -14.62 -5.73 -14.58
N PHE A 63 -13.56 -5.73 -15.39
CA PHE A 63 -12.42 -6.62 -15.14
C PHE A 63 -11.88 -6.41 -13.73
N ILE A 64 -11.66 -5.15 -13.33
CA ILE A 64 -11.12 -4.86 -12.01
C ILE A 64 -12.04 -5.38 -10.92
N LEU A 65 -13.34 -5.11 -11.05
CA LEU A 65 -14.28 -5.44 -9.98
C LEU A 65 -14.49 -6.94 -9.86
N GLU A 66 -14.33 -7.70 -10.95
CA GLU A 66 -14.79 -9.09 -11.01
C GLU A 66 -13.66 -10.11 -10.97
N ARG A 67 -12.62 -9.92 -11.76
CA ARG A 67 -11.60 -10.97 -11.91
C ARG A 67 -10.79 -11.15 -10.63
N LYS A 68 -10.59 -12.41 -10.26
CA LYS A 68 -9.76 -12.74 -9.10
C LYS A 68 -8.28 -12.71 -9.48
N GLY A 69 -7.44 -12.59 -8.46
CA GLY A 69 -6.01 -12.50 -8.66
C GLY A 69 -5.48 -11.11 -8.88
N LEU A 70 -6.29 -10.07 -8.65
CA LEU A 70 -5.86 -8.69 -8.75
C LEU A 70 -5.63 -8.13 -7.35
N SER A 71 -4.44 -7.56 -7.13
CA SER A 71 -4.14 -6.90 -5.87
C SER A 71 -5.08 -5.72 -5.66
N ARG A 72 -5.94 -5.82 -4.65
CA ARG A 72 -6.84 -4.70 -4.35
C ARG A 72 -6.07 -3.45 -3.97
N GLN A 73 -4.85 -3.62 -3.44
CA GLN A 73 -4.00 -2.46 -3.18
C GLN A 73 -3.62 -1.76 -4.47
N MET A 74 -3.23 -2.54 -5.49
CA MET A 74 -2.81 -1.95 -6.76
C MET A 74 -4.01 -1.46 -7.57
N ILE A 75 -5.18 -2.08 -7.39
CA ILE A 75 -6.40 -1.50 -7.95
C ILE A 75 -6.60 -0.09 -7.42
N GLY A 76 -6.39 0.09 -6.11
CA GLY A 76 -6.48 1.42 -5.53
C GLY A 76 -5.45 2.37 -6.11
N GLU A 77 -4.19 1.91 -6.19
CA GLU A 77 -3.14 2.73 -6.79
C GLU A 77 -3.52 3.16 -8.20
N PHE A 78 -4.13 2.25 -8.97
CA PHE A 78 -4.53 2.58 -10.33
C PHE A 78 -5.70 3.56 -10.34
N LEU A 79 -6.76 3.24 -9.58
CA LEU A 79 -7.94 4.09 -9.57
C LEU A 79 -7.68 5.43 -8.91
N GLY A 80 -6.76 5.50 -7.96
CA GLY A 80 -6.48 6.72 -7.23
C GLY A 80 -5.68 7.76 -7.97
N ASN A 81 -5.16 7.44 -9.15
CA ASN A 81 -4.35 8.40 -9.92
C ASN A 81 -5.22 9.57 -10.36
N ARG A 82 -4.83 10.78 -9.97
CA ARG A 82 -5.61 11.97 -10.29
C ARG A 82 -5.08 12.73 -11.49
N GLN A 83 -4.06 12.21 -12.19
CA GLN A 83 -3.52 12.88 -13.36
C GLN A 83 -3.92 12.23 -14.68
N LYS A 84 -4.13 10.91 -14.71
CA LYS A 84 -4.46 10.22 -15.95
C LYS A 84 -5.96 10.19 -16.16
N GLN A 85 -6.39 10.59 -17.36
CA GLN A 85 -7.81 10.68 -17.65
C GLN A 85 -8.43 9.31 -17.85
N PHE A 86 -7.65 8.32 -18.27
CA PHE A 86 -8.16 6.96 -18.39
C PHE A 86 -8.44 6.37 -17.01
N ASN A 87 -7.47 6.47 -16.10
CA ASN A 87 -7.68 5.98 -14.74
C ASN A 87 -8.91 6.63 -14.11
N ARG A 88 -9.08 7.94 -14.31
CA ARG A 88 -10.23 8.63 -13.72
C ARG A 88 -11.53 8.11 -14.30
N ASP A 89 -11.58 7.92 -15.63
CA ASP A 89 -12.80 7.39 -16.25
C ASP A 89 -13.09 5.98 -15.78
N VAL A 90 -12.06 5.13 -15.67
CA VAL A 90 -12.25 3.79 -15.12
C VAL A 90 -12.84 3.87 -13.73
N LEU A 91 -12.28 4.77 -12.90
CA LEU A 91 -12.80 4.93 -11.53
C LEU A 91 -14.26 5.36 -11.56
N ASP A 92 -14.60 6.34 -12.39
CA ASP A 92 -16.00 6.72 -12.52
C ASP A 92 -16.87 5.55 -12.94
N CYS A 93 -16.38 4.73 -13.87
CA CYS A 93 -17.12 3.53 -14.26
C CYS A 93 -17.25 2.55 -13.10
N VAL A 94 -16.21 2.46 -12.27
CA VAL A 94 -16.23 1.50 -11.17
C VAL A 94 -17.33 1.83 -10.18
N VAL A 95 -17.47 3.11 -9.83
CA VAL A 95 -18.48 3.49 -8.85
C VAL A 95 -19.88 3.39 -9.46
N ASP A 96 -20.01 3.63 -10.77
CA ASP A 96 -21.31 3.50 -11.42
C ASP A 96 -21.84 2.07 -11.33
N GLU A 97 -20.96 1.08 -11.11
CA GLU A 97 -21.40 -0.29 -10.94
C GLU A 97 -21.99 -0.57 -9.57
N MET A 98 -21.69 0.28 -8.59
CA MET A 98 -22.17 0.12 -7.23
C MET A 98 -23.43 0.95 -7.02
N ASP A 99 -24.33 0.42 -6.18
CA ASP A 99 -25.59 1.08 -5.87
C ASP A 99 -25.62 1.39 -4.37
N PHE A 100 -25.54 2.66 -4.03
CA PHE A 100 -25.56 3.13 -2.64
C PHE A 100 -26.92 3.68 -2.24
N SER A 101 -27.97 3.33 -2.98
CA SER A 101 -29.30 3.87 -2.71
C SER A 101 -29.76 3.51 -1.30
N SER A 102 -30.19 4.53 -0.56
CA SER A 102 -30.76 4.35 0.78
C SER A 102 -29.80 3.62 1.71
N MET A 103 -28.52 4.03 1.68
CA MET A 103 -27.51 3.51 2.58
C MET A 103 -26.94 4.66 3.41
N ASP A 104 -26.64 4.38 4.67
CA ASP A 104 -25.84 5.30 5.46
C ASP A 104 -24.51 5.54 4.76
N LEU A 105 -24.00 6.78 4.87
CA LEU A 105 -22.79 7.13 4.14
C LEU A 105 -21.64 6.20 4.51
N ASP A 106 -21.43 5.97 5.81
CA ASP A 106 -20.38 5.05 6.23
C ASP A 106 -20.62 3.65 5.67
N ASP A 107 -21.86 3.19 5.67
CA ASP A 107 -22.17 1.87 5.13
C ASP A 107 -21.83 1.82 3.63
N ALA A 108 -22.26 2.83 2.87
CA ALA A 108 -21.91 2.89 1.47
C ALA A 108 -20.40 2.94 1.27
N LEU A 109 -19.72 3.76 2.08
CA LEU A 109 -18.26 3.83 2.00
C LEU A 109 -17.64 2.47 2.30
N ARG A 110 -18.20 1.74 3.27
CA ARG A 110 -17.69 0.40 3.57
C ARG A 110 -17.85 -0.53 2.38
N LYS A 111 -19.00 -0.48 1.71
CA LYS A 111 -19.20 -1.29 0.51
C LYS A 111 -18.22 -0.89 -0.58
N PHE A 112 -17.99 0.41 -0.74
CA PHE A 112 -17.05 0.90 -1.75
C PHE A 112 -15.63 0.43 -1.44
N GLN A 113 -15.19 0.58 -0.19
CA GLN A 113 -13.83 0.19 0.18
C GLN A 113 -13.67 -1.32 0.26
N SER A 114 -14.77 -2.08 0.34
CA SER A 114 -14.66 -3.53 0.36
C SER A 114 -14.10 -4.05 -0.96
N HIS A 115 -14.30 -3.31 -2.05
CA HIS A 115 -13.77 -3.68 -3.36
C HIS A 115 -12.37 -3.12 -3.59
N ILE A 116 -12.18 -1.82 -3.35
CA ILE A 116 -10.91 -1.15 -3.56
C ILE A 116 -10.24 -0.94 -2.23
N ARG A 117 -8.91 -1.13 -2.19
CA ARG A 117 -8.15 -0.89 -0.97
C ARG A 117 -7.90 0.61 -0.85
N VAL A 118 -8.73 1.28 -0.06
CA VAL A 118 -8.67 2.74 0.06
C VAL A 118 -7.72 3.05 1.21
N GLN A 119 -6.42 3.04 0.90
CA GLN A 119 -5.38 3.22 1.90
C GLN A 119 -4.13 3.76 1.22
N GLY A 120 -3.56 4.80 1.78
CA GLY A 120 -2.30 5.32 1.26
C GLY A 120 -2.17 6.81 1.53
N GLU A 121 -1.49 7.49 0.62
CA GLU A 121 -1.29 8.92 0.74
C GLU A 121 -2.62 9.66 0.77
N ALA A 122 -2.62 10.83 1.41
CA ALA A 122 -3.86 11.60 1.52
C ALA A 122 -4.43 11.94 0.16
N GLN A 123 -3.59 12.16 -0.85
CA GLN A 123 -4.10 12.53 -2.17
C GLN A 123 -4.80 11.34 -2.84
N LYS A 124 -4.27 10.13 -2.69
CA LYS A 124 -4.93 8.96 -3.26
C LYS A 124 -6.27 8.72 -2.57
N VAL A 125 -6.29 8.78 -1.24
CA VAL A 125 -7.53 8.59 -0.51
C VAL A 125 -8.56 9.63 -0.94
N GLU A 126 -8.12 10.86 -1.19
CA GLU A 126 -9.06 11.91 -1.59
C GLU A 126 -9.70 11.62 -2.94
N ARG A 127 -8.89 11.18 -3.91
CA ARG A 127 -9.43 10.90 -5.24
C ARG A 127 -10.48 9.80 -5.20
N LEU A 128 -10.25 8.76 -4.40
CA LEU A 128 -11.19 7.64 -4.34
C LEU A 128 -12.47 8.03 -3.62
N ILE A 129 -12.35 8.68 -2.47
CA ILE A 129 -13.52 9.19 -1.76
C ILE A 129 -14.28 10.19 -2.62
N GLU A 130 -13.55 10.93 -3.46
CA GLU A 130 -14.19 11.91 -4.34
C GLU A 130 -15.17 11.22 -5.29
N ALA A 131 -14.68 10.27 -6.09
CA ALA A 131 -15.56 9.56 -7.01
C ALA A 131 -16.65 8.81 -6.25
N PHE A 132 -16.35 8.31 -5.05
CA PHE A 132 -17.37 7.61 -4.28
C PHE A 132 -18.47 8.56 -3.83
N SER A 133 -18.11 9.74 -3.33
CA SER A 133 -19.11 10.67 -2.84
C SER A 133 -19.99 11.18 -3.98
N GLN A 134 -19.41 11.36 -5.17
CA GLN A 134 -20.22 11.73 -6.33
C GLN A 134 -21.27 10.66 -6.63
N ARG A 135 -20.87 9.39 -6.57
CA ARG A 135 -21.81 8.31 -6.85
C ARG A 135 -22.88 8.21 -5.78
N TYR A 136 -22.52 8.44 -4.51
CA TYR A 136 -23.49 8.36 -3.43
C TYR A 136 -24.57 9.44 -3.56
N CYS A 137 -24.21 10.63 -4.04
CA CYS A 137 -25.19 11.69 -4.21
C CYS A 137 -26.17 11.35 -5.32
N VAL A 138 -25.66 10.86 -6.46
CA VAL A 138 -26.54 10.40 -7.53
C VAL A 138 -27.50 9.35 -7.01
N CYS A 139 -27.05 8.52 -6.07
CA CYS A 139 -27.87 7.44 -5.53
C CYS A 139 -28.83 7.92 -4.44
N ASN A 140 -28.69 9.14 -3.95
CA ASN A 140 -29.56 9.63 -2.89
C ASN A 140 -29.80 11.12 -3.05
N PRO A 141 -30.41 11.53 -4.17
CA PRO A 141 -30.58 12.97 -4.41
C PRO A 141 -31.43 13.68 -3.36
N ALA A 142 -32.45 13.01 -2.85
CA ALA A 142 -33.31 13.62 -1.84
C ALA A 142 -32.51 13.97 -0.58
N LEU A 143 -31.95 12.96 0.08
CA LEU A 143 -31.19 13.18 1.29
C LEU A 143 -30.09 14.22 1.09
N VAL A 144 -29.40 14.16 -0.06
CA VAL A 144 -28.34 15.12 -0.34
C VAL A 144 -28.91 16.53 -0.40
N ARG A 145 -30.10 16.69 -0.97
CA ARG A 145 -30.71 18.00 -1.06
C ARG A 145 -31.06 18.57 0.32
N GLN A 146 -31.08 17.74 1.35
CA GLN A 146 -31.34 18.17 2.71
C GLN A 146 -30.16 18.91 3.33
N PHE A 147 -29.11 19.21 2.57
CA PHE A 147 -27.91 19.86 3.07
C PHE A 147 -27.71 21.20 2.37
N ARG A 148 -27.29 22.20 3.13
CA ARG A 148 -26.98 23.50 2.55
C ARG A 148 -25.97 23.38 1.42
N ASN A 149 -25.02 22.47 1.56
CA ASN A 149 -23.95 22.31 0.58
C ASN A 149 -23.68 20.83 0.33
N PRO A 150 -23.95 20.33 -0.87
CA PRO A 150 -23.68 18.91 -1.16
C PRO A 150 -22.22 18.53 -0.97
N ASP A 151 -21.30 19.50 -0.94
CA ASP A 151 -19.92 19.20 -0.57
C ASP A 151 -19.81 18.57 0.81
N THR A 152 -20.89 18.61 1.59
CA THR A 152 -20.87 17.99 2.92
C THR A 152 -20.69 16.48 2.83
N ILE A 153 -21.41 15.84 1.91
CA ILE A 153 -21.29 14.39 1.76
C ILE A 153 -19.85 13.99 1.50
N PHE A 154 -19.15 14.74 0.64
CA PHE A 154 -17.75 14.44 0.36
C PHE A 154 -16.89 14.70 1.59
N ILE A 155 -17.06 15.87 2.22
CA ILE A 155 -16.28 16.18 3.41
C ILE A 155 -16.57 15.17 4.52
N LEU A 156 -17.80 14.69 4.61
CA LEU A 156 -18.15 13.74 5.67
C LEU A 156 -17.55 12.36 5.40
N ALA A 157 -17.66 11.89 4.15
CA ALA A 157 -17.05 10.61 3.80
C ALA A 157 -15.56 10.62 4.08
N PHE A 158 -14.87 11.70 3.69
CA PHE A 158 -13.46 11.87 4.02
C PHE A 158 -13.26 11.77 5.53
N ALA A 159 -14.10 12.45 6.30
CA ALA A 159 -13.98 12.41 7.76
C ALA A 159 -14.28 11.02 8.30
N ILE A 160 -15.10 10.24 7.61
CA ILE A 160 -15.43 8.90 8.08
C ILE A 160 -14.20 8.00 8.03
N ILE A 161 -13.53 7.96 6.88
CA ILE A 161 -12.34 7.12 6.76
C ILE A 161 -11.22 7.65 7.65
N LEU A 162 -11.18 8.97 7.86
CA LEU A 162 -10.21 9.53 8.80
C LEU A 162 -10.47 9.04 10.22
N LEU A 163 -11.75 8.95 10.61
CA LEU A 163 -12.07 8.36 11.90
C LEU A 163 -11.63 6.91 11.96
N ASN A 164 -11.76 6.17 10.85
CA ASN A 164 -11.34 4.79 10.83
C ASN A 164 -9.83 4.67 11.02
N THR A 165 -9.06 5.53 10.36
CA THR A 165 -7.61 5.53 10.57
C THR A 165 -7.28 5.88 12.01
N ASP A 166 -7.84 6.97 12.52
CA ASP A 166 -7.59 7.39 13.89
C ASP A 166 -7.96 6.30 14.88
N MET A 167 -9.12 5.67 14.68
CA MET A 167 -9.66 4.77 15.70
C MET A 167 -8.92 3.44 15.75
N TYR A 168 -8.40 2.96 14.62
CA TYR A 168 -7.86 1.61 14.56
C TYR A 168 -6.39 1.52 14.17
N SER A 169 -5.74 2.62 13.84
CA SER A 169 -4.31 2.58 13.59
C SER A 169 -3.56 2.23 14.87
N PRO A 170 -2.75 1.17 14.89
CA PRO A 170 -1.97 0.88 16.10
C PRO A 170 -1.04 2.02 16.48
N SER A 171 -0.59 2.81 15.51
CA SER A 171 0.35 3.90 15.73
C SER A 171 -0.27 5.13 16.36
N VAL A 172 -1.59 5.19 16.49
CA VAL A 172 -2.26 6.27 17.20
C VAL A 172 -2.62 5.73 18.57
N LYS A 173 -1.86 6.14 19.59
CA LYS A 173 -2.04 5.62 20.93
C LYS A 173 -3.46 5.85 21.43
N ALA A 174 -3.88 5.01 22.38
CA ALA A 174 -5.25 5.05 22.87
C ALA A 174 -5.62 6.44 23.38
N GLU A 175 -4.81 6.99 24.30
CA GLU A 175 -5.17 8.24 24.94
C GLU A 175 -5.40 9.37 23.94
N ARG A 176 -4.73 9.32 22.79
CA ARG A 176 -4.82 10.37 21.79
C ARG A 176 -5.83 10.09 20.70
N LYS A 177 -6.57 8.98 20.78
CA LYS A 177 -7.59 8.70 19.79
C LYS A 177 -8.75 9.70 19.92
N MET A 178 -9.37 10.00 18.78
CA MET A 178 -10.43 11.00 18.75
C MET A 178 -11.70 10.44 19.40
N LYS A 179 -12.14 11.07 20.47
CA LYS A 179 -13.39 10.67 21.13
C LYS A 179 -14.58 11.15 20.31
N LEU A 180 -15.76 10.63 20.68
CA LEU A 180 -16.97 10.95 19.94
C LEU A 180 -17.18 12.44 19.81
N ASP A 181 -16.99 13.19 20.91
CA ASP A 181 -17.24 14.63 20.88
C ASP A 181 -16.17 15.36 20.07
N ASP A 182 -14.91 14.91 20.16
CA ASP A 182 -13.88 15.45 19.27
C ASP A 182 -14.26 15.27 17.82
N PHE A 183 -14.96 14.17 17.50
CA PHE A 183 -15.41 13.93 16.14
C PHE A 183 -16.51 14.91 15.73
N ILE A 184 -17.52 15.06 16.58
CA ILE A 184 -18.61 15.99 16.29
C ILE A 184 -18.09 17.41 16.23
N LYS A 185 -17.14 17.76 17.10
CA LYS A 185 -16.60 19.11 17.12
C LYS A 185 -15.70 19.37 15.92
N ASN A 186 -15.11 18.33 15.34
CA ASN A 186 -14.26 18.50 14.17
C ASN A 186 -15.07 18.79 12.92
N LEU A 187 -16.38 18.56 12.95
CA LEU A 187 -17.26 18.77 11.80
C LEU A 187 -18.19 19.96 11.97
N ARG A 188 -17.95 20.82 12.96
CA ARG A 188 -18.82 21.95 13.21
C ARG A 188 -18.76 22.95 12.06
N GLY A 189 -19.93 23.46 11.68
CA GLY A 189 -20.00 24.51 10.68
C GLY A 189 -19.66 24.09 9.27
N VAL A 190 -19.63 22.78 8.99
CA VAL A 190 -19.24 22.31 7.66
C VAL A 190 -20.28 22.70 6.63
N ASP A 191 -21.56 22.69 7.00
CA ASP A 191 -22.66 22.85 6.05
C ASP A 191 -23.02 24.33 5.92
N ASN A 192 -22.15 25.06 5.21
CA ASN A 192 -22.31 26.50 5.02
C ASN A 192 -22.50 27.21 6.35
N GLY A 193 -21.62 26.89 7.30
CA GLY A 193 -21.70 27.43 8.64
C GLY A 193 -22.63 26.69 9.58
N GLU A 194 -23.55 25.90 9.05
CA GLU A 194 -24.40 25.06 9.89
C GLU A 194 -23.68 23.77 10.24
N ASP A 195 -24.26 23.03 11.18
CA ASP A 195 -23.74 21.73 11.59
C ASP A 195 -24.48 20.60 10.90
N ILE A 196 -23.80 19.47 10.77
CA ILE A 196 -24.50 18.24 10.40
C ILE A 196 -25.34 17.79 11.60
N PRO A 197 -26.59 17.34 11.40
CA PRO A 197 -27.40 16.89 12.54
C PRO A 197 -26.62 15.98 13.48
N ARG A 198 -26.54 16.38 14.75
CA ARG A 198 -25.64 15.69 15.69
C ARG A 198 -26.00 14.21 15.83
N ASP A 199 -27.29 13.91 15.96
CA ASP A 199 -27.70 12.51 16.10
C ASP A 199 -27.15 11.65 14.98
N LEU A 200 -26.90 12.24 13.81
CA LEU A 200 -26.39 11.47 12.68
C LEU A 200 -24.93 11.08 12.91
N LEU A 201 -24.08 12.05 13.22
CA LEU A 201 -22.67 11.75 13.46
C LEU A 201 -22.50 10.70 14.55
N VAL A 202 -23.28 10.80 15.63
CA VAL A 202 -23.20 9.81 16.69
C VAL A 202 -23.43 8.41 16.12
N GLY A 203 -24.33 8.28 15.16
CA GLY A 203 -24.55 7.00 14.52
C GLY A 203 -23.38 6.54 13.68
N ILE A 204 -22.77 7.46 12.94
CA ILE A 204 -21.59 7.12 12.15
C ILE A 204 -20.47 6.66 13.08
N TYR A 205 -20.18 7.45 14.12
CA TYR A 205 -19.09 7.12 15.03
C TYR A 205 -19.29 5.75 15.67
N GLN A 206 -20.50 5.49 16.16
CA GLN A 206 -20.76 4.23 16.85
C GLN A 206 -20.60 3.04 15.92
N ARG A 207 -21.08 3.16 14.68
CA ARG A 207 -20.97 2.05 13.74
C ARG A 207 -19.52 1.77 13.38
N ILE A 208 -18.76 2.82 13.06
CA ILE A 208 -17.33 2.65 12.85
C ILE A 208 -16.68 2.06 14.10
N GLN A 209 -17.11 2.52 15.28
CA GLN A 209 -16.57 1.98 16.52
C GLN A 209 -16.87 0.51 16.67
N GLY A 210 -17.99 0.04 16.11
CA GLY A 210 -18.37 -1.36 16.22
C GLY A 210 -17.89 -2.25 15.09
N ARG A 211 -17.29 -1.68 14.05
CA ARG A 211 -16.83 -2.49 12.91
C ARG A 211 -15.82 -1.68 12.13
N GLU A 212 -14.55 -2.08 12.22
CA GLU A 212 -13.49 -1.39 11.49
C GLU A 212 -13.67 -1.59 9.99
N LEU A 213 -13.30 -0.55 9.24
CA LEU A 213 -13.31 -0.65 7.78
C LEU A 213 -12.29 -1.68 7.33
N ARG A 214 -12.71 -2.59 6.46
CA ARG A 214 -11.89 -3.74 6.13
C ARG A 214 -12.10 -4.13 4.68
N THR A 215 -11.00 -4.29 3.95
CA THR A 215 -11.06 -4.66 2.55
C THR A 215 -11.39 -6.14 2.39
N ASN A 216 -12.04 -6.47 1.27
CA ASN A 216 -12.19 -7.87 0.90
C ASN A 216 -10.82 -8.49 0.65
N ASP A 217 -10.70 -9.78 0.94
CA ASP A 217 -9.44 -10.47 0.72
C ASP A 217 -9.13 -10.60 -0.77
N ASP A 218 -7.86 -10.80 -1.07
CA ASP A 218 -7.42 -11.10 -2.42
C ASP A 218 -6.33 -12.18 -2.30
N HIS A 219 -5.49 -12.32 -3.32
CA HIS A 219 -4.47 -13.36 -3.27
C HIS A 219 -3.35 -12.98 -2.31
N VAL A 220 -3.05 -11.69 -2.17
CA VAL A 220 -2.03 -11.27 -1.21
C VAL A 220 -2.39 -11.68 0.21
N SER A 221 -3.67 -11.94 0.47
CA SER A 221 -4.08 -12.37 1.80
C SER A 221 -3.54 -13.76 2.13
N GLN A 222 -3.41 -14.63 1.13
CA GLN A 222 -2.89 -15.97 1.38
C GLN A 222 -1.39 -15.96 1.64
N VAL A 223 -0.66 -15.05 0.98
CA VAL A 223 0.77 -14.92 1.26
C VAL A 223 0.98 -14.30 2.62
N GLN A 224 0.16 -13.32 2.99
CA GLN A 224 0.25 -12.72 4.32
C GLN A 224 0.05 -13.76 5.41
N ALA A 225 -0.80 -14.76 5.16
CA ALA A 225 -1.01 -15.80 6.16
C ALA A 225 0.21 -16.70 6.29
N VAL A 226 0.92 -16.95 5.19
CA VAL A 226 2.16 -17.71 5.26
C VAL A 226 3.23 -16.90 6.00
N GLU A 227 3.24 -15.57 5.79
CA GLU A 227 4.17 -14.73 6.52
C GLU A 227 3.94 -14.80 8.02
N ARG A 228 2.68 -14.98 8.45
CA ARG A 228 2.41 -15.05 9.89
C ARG A 228 2.89 -16.36 10.49
N MET A 229 2.73 -17.47 9.74
CA MET A 229 3.17 -18.76 10.26
C MET A 229 4.68 -18.80 10.45
N ILE A 230 5.43 -17.99 9.71
CA ILE A 230 6.88 -17.96 9.79
C ILE A 230 7.28 -16.93 10.84
N VAL A 231 7.95 -17.38 11.90
CA VAL A 231 8.44 -16.49 12.95
C VAL A 231 9.92 -16.23 12.71
N GLY A 232 10.41 -15.15 13.30
CA GLY A 232 11.80 -14.77 13.14
C GLY A 232 12.01 -13.91 11.91
N LYS A 233 13.29 -13.70 11.59
CA LYS A 233 13.65 -12.93 10.41
C LYS A 233 13.22 -13.66 9.15
N LYS A 234 12.78 -12.89 8.16
CA LYS A 234 12.25 -13.45 6.92
C LYS A 234 12.30 -12.38 5.84
N PRO A 235 12.32 -12.77 4.58
CA PRO A 235 12.13 -11.78 3.51
C PRO A 235 10.69 -11.28 3.50
N VAL A 236 10.50 -10.09 2.92
CA VAL A 236 9.16 -9.57 2.69
C VAL A 236 8.53 -10.38 1.56
N LEU A 237 7.51 -11.18 1.88
CA LEU A 237 6.91 -12.09 0.92
C LEU A 237 5.64 -11.53 0.27
N SER A 238 4.76 -10.92 1.05
CA SER A 238 3.44 -10.55 0.56
C SER A 238 3.47 -9.32 -0.35
N LEU A 239 4.31 -9.35 -1.37
CA LEU A 239 4.29 -8.30 -2.37
C LEU A 239 3.06 -8.44 -3.25
N PRO A 240 2.51 -7.33 -3.75
CA PRO A 240 1.22 -7.39 -4.46
C PRO A 240 1.18 -8.41 -5.59
N HIS A 241 2.30 -8.61 -6.30
CA HIS A 241 2.30 -9.48 -7.46
C HIS A 241 2.47 -10.96 -7.11
N ARG A 242 2.83 -11.29 -5.87
CA ARG A 242 3.15 -12.66 -5.50
C ARG A 242 1.90 -13.42 -5.09
N ARG A 243 1.77 -14.63 -5.62
CA ARG A 243 0.61 -15.48 -5.37
C ARG A 243 1.08 -16.85 -4.90
N LEU A 244 0.43 -17.37 -3.87
CA LEU A 244 0.80 -18.67 -3.32
C LEU A 244 0.27 -19.78 -4.22
N VAL A 245 1.16 -20.68 -4.63
CA VAL A 245 0.81 -21.76 -5.55
C VAL A 245 0.67 -23.10 -4.84
N CYS A 246 1.60 -23.44 -3.95
CA CYS A 246 1.65 -24.78 -3.41
C CYS A 246 2.29 -24.80 -2.03
N CYS A 247 1.74 -25.63 -1.15
CA CYS A 247 2.37 -25.99 0.11
C CYS A 247 2.71 -27.47 0.06
N CYS A 248 3.96 -27.82 0.35
CA CYS A 248 4.39 -29.21 0.23
C CYS A 248 5.41 -29.54 1.31
N GLN A 249 5.39 -30.79 1.75
CA GLN A 249 6.37 -31.32 2.69
C GLN A 249 7.40 -32.14 1.92
N LEU A 250 8.68 -31.80 2.10
CA LEU A 250 9.76 -32.50 1.43
C LEU A 250 10.91 -32.70 2.41
N TYR A 251 11.85 -33.55 2.02
CA TYR A 251 13.07 -33.79 2.79
C TYR A 251 14.25 -33.25 2.00
N GLU A 252 15.01 -32.35 2.62
CA GLU A 252 16.21 -31.84 1.99
C GLU A 252 17.29 -32.92 1.98
N VAL A 253 17.92 -33.12 0.85
CA VAL A 253 18.94 -34.16 0.66
C VAL A 253 20.29 -33.49 0.51
N PRO A 254 21.16 -33.52 1.52
CA PRO A 254 22.50 -32.97 1.37
C PRO A 254 23.40 -33.82 0.48
N ASP A 255 23.10 -35.10 0.32
CA ASP A 255 23.96 -36.02 -0.42
C ASP A 255 23.08 -37.11 -1.03
N PRO A 256 22.80 -37.03 -2.33
CA PRO A 256 21.97 -38.06 -2.96
C PRO A 256 22.68 -39.40 -3.16
N ASN A 257 24.00 -39.45 -2.98
CA ASN A 257 24.75 -40.69 -3.11
C ASN A 257 24.90 -41.43 -1.79
N ARG A 258 24.38 -40.88 -0.69
CA ARG A 258 24.44 -41.52 0.61
C ARG A 258 23.06 -41.47 1.26
N PRO A 259 22.70 -42.50 2.02
CA PRO A 259 21.37 -42.53 2.64
C PRO A 259 21.29 -41.61 3.85
N GLN A 260 20.06 -41.25 4.19
CA GLN A 260 19.76 -40.47 5.38
C GLN A 260 18.59 -41.11 6.12
N ARG A 261 18.49 -40.79 7.41
CA ARG A 261 17.50 -41.44 8.26
C ARG A 261 16.09 -41.18 7.75
N LEU A 262 15.15 -42.04 8.20
CA LEU A 262 13.77 -41.94 7.76
C LEU A 262 13.13 -40.69 8.32
N GLY A 263 12.71 -39.78 7.43
CA GLY A 263 12.08 -38.55 7.84
C GLY A 263 13.01 -37.48 8.34
N LEU A 264 14.26 -37.47 7.89
CA LEU A 264 15.25 -36.50 8.34
C LEU A 264 15.23 -35.28 7.43
N HIS A 265 15.49 -34.11 8.04
CA HIS A 265 15.52 -32.85 7.30
C HIS A 265 14.15 -32.51 6.70
N GLN A 266 13.09 -32.76 7.47
CA GLN A 266 11.75 -32.50 6.94
C GLN A 266 11.54 -31.00 6.78
N ARG A 267 11.04 -30.60 5.61
CA ARG A 267 10.89 -29.20 5.25
C ARG A 267 9.42 -28.88 4.99
N GLU A 268 9.06 -27.63 5.23
CA GLU A 268 7.78 -27.06 4.81
C GLU A 268 8.08 -26.10 3.67
N VAL A 269 7.79 -26.52 2.45
CA VAL A 269 8.16 -25.78 1.25
C VAL A 269 6.94 -25.01 0.76
N PHE A 270 7.15 -23.73 0.43
CA PHE A 270 6.09 -22.85 -0.06
C PHE A 270 6.45 -22.37 -1.46
N LEU A 271 5.68 -22.81 -2.45
CA LEU A 271 5.89 -22.43 -3.84
C LEU A 271 4.97 -21.25 -4.18
N PHE A 272 5.57 -20.11 -4.51
CA PHE A 272 4.85 -18.97 -5.04
C PHE A 272 5.08 -18.88 -6.54
N ASN A 273 4.30 -18.02 -7.19
CA ASN A 273 4.40 -17.91 -8.65
C ASN A 273 5.76 -17.42 -9.11
N ASP A 274 6.62 -16.92 -8.19
CA ASP A 274 7.93 -16.46 -8.59
C ASP A 274 8.99 -16.67 -7.50
N LEU A 275 8.73 -17.53 -6.52
CA LEU A 275 9.66 -17.69 -5.41
C LEU A 275 9.43 -19.04 -4.75
N LEU A 276 10.52 -19.71 -4.40
CA LEU A 276 10.48 -20.96 -3.63
C LEU A 276 11.03 -20.69 -2.25
N VAL A 277 10.22 -20.90 -1.22
CA VAL A 277 10.57 -20.65 0.16
C VAL A 277 10.68 -21.97 0.89
N VAL A 278 11.81 -22.22 1.53
CA VAL A 278 12.09 -23.45 2.25
C VAL A 278 12.13 -23.14 3.73
N THR A 279 11.27 -23.80 4.50
CA THR A 279 11.20 -23.62 5.95
C THR A 279 11.18 -24.98 6.63
N LYS A 280 11.31 -24.95 7.95
CA LYS A 280 11.19 -26.14 8.78
C LYS A 280 10.33 -25.80 9.99
N ILE A 281 9.79 -26.84 10.62
CA ILE A 281 8.93 -26.63 11.78
C ILE A 281 9.74 -26.02 12.91
N PHE A 282 9.24 -24.93 13.47
CA PHE A 282 9.90 -24.25 14.59
C PHE A 282 9.20 -24.56 15.91
N VAL A 289 1.04 -24.10 14.53
CA VAL A 289 2.30 -24.52 13.92
C VAL A 289 3.11 -23.28 13.54
N THR A 290 4.44 -23.40 13.65
CA THR A 290 5.35 -22.30 13.34
C THR A 290 6.50 -22.83 12.52
N TYR A 291 7.03 -21.97 11.64
CA TYR A 291 8.09 -22.35 10.72
C TYR A 291 9.22 -21.33 10.81
N SER A 292 10.45 -21.83 10.77
CA SER A 292 11.64 -21.00 10.69
C SER A 292 12.10 -20.89 9.25
N PHE A 293 12.34 -19.67 8.80
CA PHE A 293 12.78 -19.46 7.42
C PHE A 293 14.21 -19.95 7.25
N ARG A 294 14.44 -20.74 6.21
CA ARG A 294 15.76 -21.27 5.89
C ARG A 294 16.37 -20.66 4.65
N GLN A 295 15.60 -20.52 3.58
CA GLN A 295 16.17 -20.14 2.29
C GLN A 295 15.06 -19.90 1.29
N SER A 296 15.29 -18.94 0.39
CA SER A 296 14.38 -18.67 -0.71
C SER A 296 15.17 -18.68 -2.02
N PHE A 297 14.50 -19.09 -3.09
CA PHE A 297 15.13 -19.16 -4.40
C PHE A 297 14.25 -18.45 -5.42
N PRO A 298 14.83 -17.58 -6.25
CA PRO A 298 14.09 -17.09 -7.42
C PRO A 298 13.95 -18.22 -8.44
N LEU A 299 12.98 -18.05 -9.35
CA LEU A 299 12.72 -19.05 -10.35
C LEU A 299 13.38 -18.75 -11.70
N VAL A 300 13.95 -17.55 -11.87
CA VAL A 300 14.64 -17.24 -13.11
C VAL A 300 15.89 -18.09 -13.20
N GLU A 301 16.13 -18.64 -14.39
CA GLU A 301 17.29 -19.49 -14.67
C GLU A 301 17.27 -20.78 -13.87
N MET A 302 16.22 -21.02 -13.08
CA MET A 302 16.12 -22.25 -12.31
C MET A 302 15.70 -23.41 -13.21
N HIS A 303 16.39 -24.53 -13.04
CA HIS A 303 16.08 -25.75 -13.77
C HIS A 303 15.70 -26.85 -12.78
N MET A 304 15.12 -27.92 -13.31
CA MET A 304 14.52 -28.95 -12.49
C MET A 304 14.67 -30.31 -13.16
N GLN A 305 15.04 -31.31 -12.36
CA GLN A 305 15.18 -32.68 -12.87
C GLN A 305 14.82 -33.66 -11.77
N LEU A 306 14.02 -34.66 -12.11
CA LEU A 306 13.63 -35.71 -11.18
C LEU A 306 14.58 -36.90 -11.31
N PHE A 307 14.86 -37.55 -10.18
CA PHE A 307 15.78 -38.68 -10.15
C PHE A 307 15.28 -39.70 -9.14
N GLN A 308 15.76 -40.93 -9.29
CA GLN A 308 15.38 -42.02 -8.40
C GLN A 308 16.51 -43.04 -8.37
N ASN A 309 17.19 -43.16 -7.24
CA ASN A 309 18.22 -44.17 -7.07
C ASN A 309 17.86 -45.10 -5.91
N SER A 310 18.86 -45.74 -5.30
CA SER A 310 18.59 -46.74 -4.29
C SER A 310 18.12 -46.10 -2.98
N TYR A 311 18.67 -44.94 -2.62
CA TYR A 311 18.38 -44.33 -1.34
C TYR A 311 17.25 -43.30 -1.40
N TYR A 312 16.87 -42.84 -2.58
CA TYR A 312 15.85 -41.81 -2.73
C TYR A 312 14.97 -42.16 -3.92
N GLN A 313 13.74 -42.59 -3.64
CA GLN A 313 12.82 -43.03 -4.69
C GLN A 313 12.08 -41.87 -5.34
N PHE A 314 11.82 -40.80 -4.62
CA PHE A 314 11.07 -39.65 -5.14
C PHE A 314 11.97 -38.41 -5.05
N GLY A 315 12.98 -38.36 -5.90
CA GLY A 315 13.97 -37.30 -5.84
C GLY A 315 13.60 -36.08 -6.69
N ILE A 316 14.01 -34.91 -6.20
CA ILE A 316 13.82 -33.65 -6.91
C ILE A 316 15.12 -32.85 -6.76
N LYS A 317 15.73 -32.50 -7.89
CA LYS A 317 16.98 -31.75 -7.90
C LYS A 317 16.76 -30.43 -8.62
N LEU A 318 17.07 -29.33 -7.93
CA LEU A 318 16.88 -27.99 -8.47
C LEU A 318 18.24 -27.37 -8.77
N LEU A 319 18.38 -26.79 -9.96
CA LEU A 319 19.63 -26.20 -10.43
C LEU A 319 19.39 -24.77 -10.89
N SER A 320 20.47 -24.13 -11.34
CA SER A 320 20.41 -22.76 -11.83
C SER A 320 21.40 -22.60 -12.97
N ALA A 321 20.94 -22.06 -14.09
CA ALA A 321 21.80 -21.84 -15.25
C ALA A 321 21.76 -20.38 -15.69
N ARG A 327 24.47 -27.48 -13.93
CA ARG A 327 24.78 -26.06 -13.99
C ARG A 327 25.21 -25.52 -12.62
N LYS A 328 24.38 -25.82 -11.61
CA LYS A 328 24.66 -25.40 -10.25
C LYS A 328 23.54 -25.87 -9.32
N VAL A 329 23.85 -26.84 -8.45
CA VAL A 329 22.83 -27.40 -7.57
C VAL A 329 22.39 -26.35 -6.57
N LEU A 330 21.07 -26.12 -6.51
CA LEU A 330 20.48 -25.23 -5.51
C LEU A 330 20.09 -26.00 -4.25
N ILE A 331 19.38 -27.11 -4.43
CA ILE A 331 18.98 -27.95 -3.31
C ILE A 331 18.45 -29.25 -3.89
N ILE A 332 18.40 -30.29 -3.07
CA ILE A 332 17.90 -31.60 -3.47
C ILE A 332 16.80 -32.02 -2.50
N PHE A 333 15.69 -32.52 -3.04
CA PHE A 333 14.55 -32.92 -2.23
C PHE A 333 14.21 -34.39 -2.50
N ASN A 334 13.51 -34.98 -1.53
CA ASN A 334 12.93 -36.31 -1.68
C ASN A 334 11.50 -36.26 -1.15
N ALA A 335 10.54 -36.40 -2.05
CA ALA A 335 9.14 -36.27 -1.67
C ALA A 335 8.69 -37.45 -0.83
N PRO A 336 7.71 -37.25 0.05
CA PRO A 336 7.18 -38.39 0.82
C PRO A 336 6.57 -39.47 -0.07
N SER A 337 5.88 -39.07 -1.14
CA SER A 337 5.31 -39.99 -2.10
C SER A 337 5.54 -39.44 -3.51
N LEU A 338 5.17 -40.23 -4.52
CA LEU A 338 5.31 -39.76 -5.90
C LEU A 338 4.18 -38.81 -6.27
N GLN A 339 2.99 -38.97 -5.67
CA GLN A 339 1.94 -37.99 -5.85
C GLN A 339 2.37 -36.63 -5.32
N ASP A 340 3.02 -36.62 -4.15
CA ASP A 340 3.55 -35.37 -3.61
C ASP A 340 4.60 -34.78 -4.54
N ARG A 341 5.47 -35.62 -5.10
CA ARG A 341 6.45 -35.14 -6.06
C ARG A 341 5.78 -34.75 -7.38
N LEU A 342 4.78 -35.52 -7.80
CA LEU A 342 4.09 -35.21 -9.05
C LEU A 342 3.35 -33.88 -8.94
N ARG A 343 2.63 -33.67 -7.84
CA ARG A 343 1.88 -32.43 -7.66
C ARG A 343 2.83 -31.24 -7.54
N PHE A 344 3.82 -31.34 -6.66
CA PHE A 344 4.74 -30.23 -6.45
C PHE A 344 5.54 -29.94 -7.73
N THR A 345 6.11 -30.97 -8.33
CA THR A 345 6.94 -30.77 -9.53
C THR A 345 6.12 -30.13 -10.65
N SER A 346 4.84 -30.50 -10.78
CA SER A 346 4.00 -29.90 -11.81
C SER A 346 3.83 -28.41 -11.58
N ASP A 347 3.44 -28.02 -10.35
CA ASP A 347 3.30 -26.60 -10.04
C ASP A 347 4.61 -25.86 -10.27
N LEU A 348 5.73 -26.43 -9.85
CA LEU A 348 7.01 -25.75 -9.98
C LEU A 348 7.41 -25.58 -11.44
N ARG A 349 7.18 -26.61 -12.26
CA ARG A 349 7.51 -26.51 -13.67
C ARG A 349 6.74 -25.39 -14.34
N GLU A 350 5.48 -25.19 -13.94
CA GLU A 350 4.67 -24.13 -14.54
C GLU A 350 5.10 -22.76 -14.03
N SER A 351 5.39 -22.66 -12.73
CA SER A 351 5.84 -21.39 -12.18
C SER A 351 7.17 -20.94 -12.79
N ILE A 352 8.05 -21.90 -13.11
CA ILE A 352 9.29 -21.56 -13.79
C ILE A 352 9.00 -21.04 -15.20
N ALA A 353 8.19 -21.77 -15.96
CA ALA A 353 7.83 -21.33 -17.30
C ALA A 353 7.15 -19.96 -17.25
N GLU A 354 6.25 -19.76 -16.28
CA GLU A 354 5.61 -18.46 -16.13
C GLU A 354 6.64 -17.37 -15.86
N VAL A 355 7.65 -17.67 -15.04
CA VAL A 355 8.65 -16.66 -14.69
C VAL A 355 9.51 -16.33 -15.91
N GLN A 356 9.81 -17.33 -16.74
CA GLN A 356 10.62 -17.07 -17.93
C GLN A 356 9.85 -16.24 -18.94
N GLU A 357 8.52 -16.31 -18.94
CA GLU A 357 7.74 -15.38 -19.74
C GLU A 357 7.88 -13.95 -19.22
N MET A 358 7.85 -13.78 -17.90
CA MET A 358 8.03 -12.46 -17.32
C MET A 358 9.37 -11.86 -17.72
N GLU A 359 10.43 -12.68 -17.74
CA GLU A 359 11.74 -12.17 -18.14
C GLU A 359 11.73 -11.71 -19.59
N LYS A 360 11.20 -12.55 -20.49
CA LYS A 360 11.14 -12.18 -21.90
C LYS A 360 10.47 -10.83 -22.09
N TYR A 361 9.32 -10.63 -21.45
N TYR A 361 9.32 -10.63 -21.45
CA TYR A 361 8.63 -9.35 -21.56
CA TYR A 361 8.61 -9.36 -21.54
C TYR A 361 9.42 -8.24 -20.87
C TYR A 361 9.41 -8.25 -20.86
N ARG A 362 9.90 -8.51 -19.66
CA ARG A 362 10.59 -7.50 -18.85
C ARG A 362 11.92 -7.07 -19.45
N VAL A 363 12.26 -7.58 -20.63
CA VAL A 363 13.48 -7.17 -21.31
C VAL A 363 13.11 -6.52 -22.65
N GLU A 364 11.96 -6.92 -23.20
CA GLU A 364 11.44 -6.23 -24.37
C GLU A 364 11.00 -4.81 -24.05
N SER A 365 10.99 -4.43 -22.77
CA SER A 365 10.77 -3.05 -22.38
C SER A 365 11.83 -2.18 -23.03
N GLU A 366 11.52 -1.60 -24.19
CA GLU A 366 12.46 -0.79 -24.93
C GLU A 366 13.05 0.31 -24.06
N ASN B 44 18.99 13.21 26.72
CA ASN B 44 17.77 12.57 26.23
C ASN B 44 17.30 11.51 27.21
N LEU B 45 16.98 11.95 28.43
CA LEU B 45 16.69 11.01 29.51
C LEU B 45 15.29 10.43 29.39
N TYR B 46 14.30 11.26 29.08
CA TYR B 46 12.90 10.85 29.12
C TYR B 46 12.39 10.47 27.74
N PHE B 47 11.69 9.34 27.67
CA PHE B 47 11.01 8.94 26.45
C PHE B 47 9.87 9.91 26.15
N GLN B 48 9.87 10.47 24.95
CA GLN B 48 8.86 11.44 24.55
C GLN B 48 8.12 10.94 23.32
N SER B 49 6.82 11.19 23.29
CA SER B 49 5.97 10.86 22.15
C SER B 49 5.54 12.17 21.48
N MET B 50 5.81 12.30 20.19
CA MET B 50 5.51 13.51 19.45
C MET B 50 4.81 13.17 18.14
N ARG B 51 4.05 14.12 17.63
CA ARG B 51 3.28 13.96 16.41
C ARG B 51 3.90 14.82 15.31
N ILE B 52 4.15 14.20 14.16
CA ILE B 52 4.67 14.89 12.99
C ILE B 52 3.67 14.72 11.86
N LEU B 53 3.51 15.77 11.06
CA LEU B 53 2.64 15.75 9.89
C LEU B 53 3.50 15.75 8.62
N MET B 54 3.24 14.79 7.75
CA MET B 54 3.93 14.69 6.47
C MET B 54 3.03 15.30 5.39
N VAL B 55 3.54 16.31 4.69
CA VAL B 55 2.79 17.00 3.65
C VAL B 55 3.61 17.00 2.37
N GLY B 56 2.91 16.99 1.25
CA GLY B 56 3.56 17.00 -0.05
C GLY B 56 2.63 16.51 -1.14
N LEU B 57 2.99 16.86 -2.36
CA LEU B 57 2.19 16.46 -3.51
C LEU B 57 2.27 14.96 -3.73
N ASP B 58 1.32 14.45 -4.52
CA ASP B 58 1.35 13.05 -4.92
C ASP B 58 2.52 12.81 -5.88
N ALA B 59 3.24 11.71 -5.66
CA ALA B 59 4.41 11.29 -6.43
C ALA B 59 5.70 11.95 -5.96
N ALA B 60 5.65 12.71 -4.86
CA ALA B 60 6.86 13.31 -4.32
C ALA B 60 7.72 12.29 -3.57
N GLY B 61 7.11 11.25 -3.03
CA GLY B 61 7.84 10.22 -2.32
C GLY B 61 7.49 10.12 -0.85
N LYS B 62 6.28 10.56 -0.49
CA LYS B 62 5.86 10.51 0.90
C LYS B 62 5.79 9.08 1.41
N THR B 63 5.18 8.18 0.62
CA THR B 63 5.06 6.79 1.05
C THR B 63 6.44 6.14 1.21
N THR B 64 7.32 6.36 0.23
CA THR B 64 8.65 5.76 0.29
C THR B 64 9.40 6.21 1.53
N ILE B 65 9.43 7.52 1.79
CA ILE B 65 10.14 8.04 2.97
C ILE B 65 9.57 7.42 4.24
N LEU B 66 8.24 7.38 4.35
CA LEU B 66 7.62 6.84 5.55
C LEU B 66 7.89 5.34 5.68
N TYR B 67 8.04 4.62 4.56
CA TYR B 67 8.29 3.19 4.62
C TYR B 67 9.66 2.90 5.22
N LYS B 68 10.66 3.71 4.92
CA LYS B 68 12.01 3.47 5.36
C LYS B 68 12.29 3.92 6.79
N LEU B 69 11.30 4.50 7.48
CA LEU B 69 11.53 5.08 8.80
C LEU B 69 10.63 4.49 9.87
N LYS B 70 9.88 3.43 9.57
CA LYS B 70 9.03 2.80 10.58
C LYS B 70 9.83 1.79 11.39
N THR B 77 2.16 -5.39 9.73
CA THR B 77 0.86 -5.95 9.36
C THR B 77 0.16 -5.11 8.29
N ILE B 78 -1.08 -5.47 7.98
CA ILE B 78 -1.85 -4.75 6.97
C ILE B 78 -2.15 -3.35 7.48
N PRO B 79 -1.79 -2.30 6.74
CA PRO B 79 -2.06 -0.94 7.20
C PRO B 79 -3.55 -0.71 7.37
N THR B 80 -3.91 0.02 8.43
CA THR B 80 -5.31 0.37 8.65
C THR B 80 -5.86 1.14 7.46
N ILE B 81 -7.12 0.87 7.14
CA ILE B 81 -7.76 1.56 6.01
C ILE B 81 -7.79 3.05 6.28
N GLY B 82 -7.45 3.84 5.26
CA GLY B 82 -7.41 5.28 5.36
C GLY B 82 -6.04 5.83 5.04
N PHE B 83 -5.59 6.78 5.86
CA PHE B 83 -4.36 7.52 5.59
C PHE B 83 -3.16 6.85 6.25
N ASN B 84 -2.01 6.96 5.60
CA ASN B 84 -0.77 6.45 6.16
C ASN B 84 -0.50 7.12 7.50
N VAL B 85 -0.16 6.30 8.50
CA VAL B 85 0.25 6.81 9.80
C VAL B 85 1.10 5.74 10.49
N GLU B 86 2.41 5.92 10.47
CA GLU B 86 3.35 4.98 11.05
C GLU B 86 4.08 5.64 12.22
N THR B 87 4.75 4.80 13.01
CA THR B 87 5.55 5.27 14.14
C THR B 87 7.01 5.27 13.76
N VAL B 88 7.73 6.30 14.20
CA VAL B 88 9.15 6.45 13.93
C VAL B 88 9.83 6.72 15.26
N GLU B 89 10.62 5.77 15.73
CA GLU B 89 11.34 5.90 17.00
C GLU B 89 12.80 6.19 16.71
N TYR B 90 13.26 7.37 17.15
CA TYR B 90 14.62 7.82 16.89
C TYR B 90 15.16 8.50 18.13
N LYS B 91 16.22 7.94 18.71
CA LYS B 91 16.91 8.52 19.86
C LYS B 91 15.94 8.79 21.01
N ASN B 92 15.18 7.76 21.37
CA ASN B 92 14.26 7.83 22.50
C ASN B 92 13.17 8.88 22.28
N ILE B 93 12.75 9.06 21.03
CA ILE B 93 11.60 9.88 20.68
C ILE B 93 10.71 9.05 19.77
N SER B 94 9.42 8.97 20.10
CA SER B 94 8.45 8.22 19.33
C SER B 94 7.66 9.20 18.47
N PHE B 95 7.84 9.13 17.16
CA PHE B 95 7.18 10.02 16.21
C PHE B 95 5.99 9.30 15.57
N THR B 96 4.78 9.72 15.91
CA THR B 96 3.61 9.35 15.13
C THR B 96 3.53 10.29 13.93
N VAL B 97 3.62 9.72 12.73
CA VAL B 97 3.74 10.49 11.49
C VAL B 97 2.51 10.26 10.65
N TRP B 98 1.74 11.33 10.41
CA TRP B 98 0.55 11.30 9.58
C TRP B 98 0.87 11.78 8.17
N ASP B 99 0.29 11.12 7.18
CA ASP B 99 0.27 11.65 5.81
C ASP B 99 -0.97 12.53 5.66
N VAL B 100 -0.76 13.81 5.44
CA VAL B 100 -1.83 14.79 5.42
C VAL B 100 -1.93 15.42 4.03
N GLY B 101 -3.14 15.80 3.66
CA GLY B 101 -3.36 16.43 2.37
C GLY B 101 -4.84 16.59 2.09
N GLY B 102 -5.12 17.12 0.91
CA GLY B 102 -6.48 17.34 0.46
C GLY B 102 -6.67 18.73 -0.09
N GLN B 103 -7.84 18.93 -0.70
CA GLN B 103 -8.22 20.22 -1.25
C GLN B 103 -8.67 21.15 -0.13
N ASP B 104 -8.99 22.40 -0.50
CA ASP B 104 -9.27 23.43 0.49
C ASP B 104 -10.41 23.02 1.42
N LYS B 105 -11.55 22.61 0.85
CA LYS B 105 -12.72 22.29 1.67
C LYS B 105 -12.51 21.07 2.56
N ILE B 106 -11.41 20.35 2.40
CA ILE B 106 -11.14 19.15 3.19
C ILE B 106 -10.16 19.46 4.31
N ARG B 107 -9.25 20.40 4.05
CA ARG B 107 -8.17 20.69 5.00
C ARG B 107 -8.64 20.90 6.43
N PRO B 108 -9.66 21.72 6.70
CA PRO B 108 -10.05 21.97 8.11
C PRO B 108 -10.38 20.71 8.90
N LEU B 109 -10.60 19.56 8.25
CA LEU B 109 -10.78 18.32 9.00
C LEU B 109 -9.50 17.91 9.73
N TRP B 110 -8.34 18.38 9.28
CA TRP B 110 -7.07 18.08 9.93
C TRP B 110 -6.79 18.94 11.15
N ARG B 111 -7.54 20.02 11.34
CA ARG B 111 -7.25 20.93 12.44
C ARG B 111 -7.27 20.23 13.79
N HIS B 112 -8.10 19.19 13.93
CA HIS B 112 -8.08 18.39 15.15
C HIS B 112 -6.68 17.86 15.44
N TYR B 113 -5.90 17.56 14.41
CA TYR B 113 -4.58 17.01 14.57
C TYR B 113 -3.48 18.07 14.54
N PHE B 114 -3.83 19.33 14.31
CA PHE B 114 -2.84 20.41 14.36
C PHE B 114 -2.50 20.78 15.81
N GLN B 115 -3.43 20.58 16.73
CA GLN B 115 -3.24 21.05 18.11
C GLN B 115 -2.01 20.40 18.74
N ASN B 116 -1.88 19.07 18.59
CA ASN B 116 -0.72 18.37 19.14
C ASN B 116 0.25 17.99 18.03
N THR B 117 0.79 18.99 17.33
CA THR B 117 1.71 18.77 16.23
C THR B 117 3.00 19.55 16.51
N GLN B 118 4.11 18.83 16.67
CA GLN B 118 5.39 19.45 16.96
C GLN B 118 6.27 19.64 15.74
N GLY B 119 6.05 18.88 14.67
CA GLY B 119 6.91 18.97 13.51
C GLY B 119 6.14 18.71 12.23
N LEU B 120 6.60 19.35 11.15
CA LEU B 120 6.06 19.16 9.82
C LEU B 120 7.17 18.67 8.90
N ILE B 121 6.90 17.62 8.14
CA ILE B 121 7.82 17.08 7.15
C ILE B 121 7.21 17.28 5.77
N PHE B 122 7.83 18.12 4.97
CA PHE B 122 7.36 18.41 3.62
C PHE B 122 8.30 17.76 2.62
N VAL B 123 7.75 16.89 1.78
CA VAL B 123 8.52 16.16 0.77
C VAL B 123 8.21 16.75 -0.59
N VAL B 124 9.24 17.16 -1.31
CA VAL B 124 9.11 17.73 -2.65
C VAL B 124 9.96 16.91 -3.60
N ASP B 125 9.47 16.74 -4.83
CA ASP B 125 10.20 16.02 -5.87
C ASP B 125 11.15 17.02 -6.53
N SER B 126 12.44 16.92 -6.19
CA SER B 126 13.44 17.85 -6.72
C SER B 126 13.50 17.83 -8.24
N ASN B 127 12.87 16.84 -8.89
CA ASN B 127 12.95 16.70 -10.33
C ASN B 127 11.74 17.26 -11.07
N ASP B 128 10.60 17.39 -10.39
CA ASP B 128 9.35 17.82 -11.04
C ASP B 128 9.27 19.36 -10.98
N ARG B 129 10.06 19.99 -11.85
CA ARG B 129 10.04 21.45 -11.91
C ARG B 129 8.69 21.98 -12.37
N GLU B 130 7.95 21.20 -13.17
CA GLU B 130 6.63 21.62 -13.62
C GLU B 130 5.63 21.72 -12.48
N ARG B 131 5.90 21.05 -11.35
CA ARG B 131 4.98 21.02 -10.23
C ARG B 131 5.54 21.70 -8.99
N VAL B 132 6.70 22.34 -9.08
CA VAL B 132 7.31 22.93 -7.89
C VAL B 132 6.49 24.11 -7.39
N ASN B 133 5.82 24.84 -8.29
CA ASN B 133 5.02 25.98 -7.85
C ASN B 133 3.76 25.52 -7.11
N GLU B 134 3.16 24.40 -7.53
CA GLU B 134 2.03 23.88 -6.77
C GLU B 134 2.48 23.19 -5.50
N ALA B 135 3.72 22.67 -5.48
CA ALA B 135 4.31 22.21 -4.24
C ALA B 135 4.43 23.36 -3.24
N ARG B 136 4.91 24.52 -3.71
CA ARG B 136 4.98 25.69 -2.85
C ARG B 136 3.61 26.05 -2.30
N GLU B 137 2.58 26.04 -3.15
CA GLU B 137 1.22 26.29 -2.67
C GLU B 137 0.77 25.22 -1.70
N GLU B 138 1.16 23.96 -1.95
CA GLU B 138 0.83 22.89 -1.02
C GLU B 138 1.46 23.13 0.35
N LEU B 139 2.73 23.55 0.37
CA LEU B 139 3.40 23.82 1.64
C LEU B 139 2.84 25.07 2.31
N MET B 140 2.60 26.14 1.54
CA MET B 140 2.19 27.40 2.13
C MET B 140 0.77 27.33 2.66
N ARG B 141 -0.12 26.60 1.98
CA ARG B 141 -1.48 26.47 2.48
C ARG B 141 -1.51 25.75 3.82
N MET B 142 -0.61 24.80 4.02
CA MET B 142 -0.52 24.12 5.32
C MET B 142 0.05 25.07 6.38
N LEU B 143 1.06 25.86 6.02
CA LEU B 143 1.68 26.78 6.97
C LEU B 143 0.80 27.98 7.30
N ALA B 144 -0.34 28.15 6.62
CA ALA B 144 -1.24 29.25 6.92
C ALA B 144 -2.17 28.96 8.10
N GLU B 145 -2.12 27.74 8.65
CA GLU B 145 -2.97 27.36 9.76
C GLU B 145 -2.38 27.88 11.06
N ASP B 146 -3.18 28.66 11.79
CA ASP B 146 -2.69 29.24 13.05
C ASP B 146 -2.31 28.16 14.04
N GLU B 147 -2.97 27.00 14.01
CA GLU B 147 -2.68 25.91 14.93
C GLU B 147 -1.31 25.29 14.69
N LEU B 148 -0.66 25.58 13.56
CA LEU B 148 0.66 25.05 13.24
C LEU B 148 1.74 26.12 13.29
N ARG B 149 1.49 27.21 14.01
CA ARG B 149 2.41 28.36 13.96
C ARG B 149 3.78 28.03 14.51
N ASP B 150 3.87 27.16 15.52
CA ASP B 150 5.12 26.90 16.22
C ASP B 150 5.76 25.57 15.83
N ALA B 151 5.14 24.80 14.93
CA ALA B 151 5.77 23.57 14.47
C ALA B 151 7.02 23.88 13.67
N VAL B 152 8.03 23.02 13.81
CA VAL B 152 9.27 23.16 13.06
C VAL B 152 9.13 22.45 11.73
N LEU B 153 9.83 22.94 10.72
CA LEU B 153 9.66 22.50 9.34
C LEU B 153 10.92 21.79 8.86
N LEU B 154 10.76 20.55 8.40
CA LEU B 154 11.82 19.77 7.77
C LEU B 154 11.39 19.46 6.34
N VAL B 155 12.19 19.91 5.36
CA VAL B 155 11.88 19.73 3.95
C VAL B 155 12.84 18.67 3.39
N PHE B 156 12.28 17.58 2.91
CA PHE B 156 13.05 16.53 2.25
C PHE B 156 13.05 16.79 0.74
N ALA B 157 14.19 17.26 0.23
CA ALA B 157 14.37 17.43 -1.22
C ALA B 157 14.68 16.05 -1.80
N ASN B 158 13.64 15.36 -2.26
CA ASN B 158 13.76 13.98 -2.68
C ASN B 158 14.19 13.88 -4.13
N LYS B 159 14.85 12.77 -4.47
CA LYS B 159 15.20 12.44 -5.84
C LYS B 159 16.32 13.35 -6.36
N GLN B 160 17.36 13.53 -5.55
CA GLN B 160 18.51 14.32 -5.94
C GLN B 160 19.42 13.53 -6.87
N ASN B 164 18.70 15.79 -13.69
CA ASN B 164 18.57 17.23 -13.80
C ASN B 164 17.64 17.80 -12.73
N ALA B 165 17.77 17.27 -11.52
CA ALA B 165 16.92 17.68 -10.42
C ALA B 165 17.39 19.00 -9.81
N MET B 166 16.43 19.76 -9.30
CA MET B 166 16.73 21.03 -8.67
C MET B 166 17.58 20.82 -7.42
N ASN B 167 18.54 21.73 -7.20
CA ASN B 167 19.39 21.66 -6.03
C ASN B 167 18.71 22.31 -4.83
N ALA B 168 19.43 22.37 -3.71
CA ALA B 168 18.85 22.90 -2.47
C ALA B 168 18.53 24.38 -2.60
N ALA B 169 19.45 25.16 -3.17
CA ALA B 169 19.20 26.59 -3.32
C ALA B 169 18.02 26.85 -4.27
N GLU B 170 17.92 26.07 -5.34
CA GLU B 170 16.83 26.24 -6.28
C GLU B 170 15.49 25.94 -5.61
N ILE B 171 15.44 24.89 -4.78
CA ILE B 171 14.20 24.52 -4.12
C ILE B 171 13.89 25.47 -2.97
N THR B 172 14.94 25.94 -2.28
CA THR B 172 14.72 26.92 -1.21
C THR B 172 14.06 28.18 -1.76
N ASP B 173 14.45 28.60 -2.97
CA ASP B 173 13.86 29.80 -3.56
C ASP B 173 12.46 29.51 -4.10
N LYS B 174 12.33 28.46 -4.91
CA LYS B 174 11.03 28.18 -5.53
C LYS B 174 9.97 27.80 -4.50
N LEU B 175 10.38 27.20 -3.38
CA LEU B 175 9.44 26.87 -2.31
C LEU B 175 9.20 28.02 -1.35
N GLY B 176 9.92 29.12 -1.50
CA GLY B 176 9.72 30.28 -0.64
C GLY B 176 10.09 30.06 0.81
N LEU B 177 11.06 29.17 1.09
CA LEU B 177 11.41 28.86 2.47
C LEU B 177 11.89 30.10 3.22
N HIS B 178 12.64 30.98 2.55
CA HIS B 178 13.18 32.15 3.23
C HIS B 178 12.13 33.22 3.50
N SER B 179 10.91 33.07 2.99
CA SER B 179 9.83 33.99 3.33
C SER B 179 9.20 33.68 4.67
N LEU B 180 9.54 32.55 5.29
CA LEU B 180 8.99 32.16 6.58
C LEU B 180 9.83 32.83 7.67
N ARG B 181 9.27 33.88 8.28
CA ARG B 181 10.03 34.71 9.22
C ARG B 181 10.23 34.01 10.56
N HIS B 182 9.12 33.70 11.24
CA HIS B 182 9.17 33.09 12.57
C HIS B 182 9.02 31.57 12.51
N ARG B 183 9.71 30.93 11.57
CA ARG B 183 9.66 29.49 11.40
C ARG B 183 11.06 28.90 11.50
N ASN B 184 11.18 27.80 12.24
CA ASN B 184 12.42 27.05 12.33
C ASN B 184 12.36 25.93 11.31
N TRP B 185 13.12 26.07 10.23
CA TRP B 185 13.03 25.13 9.13
C TRP B 185 14.42 24.74 8.64
N TYR B 186 14.46 23.65 7.87
CA TYR B 186 15.70 23.05 7.41
C TYR B 186 15.38 22.23 6.17
N ILE B 187 16.25 22.30 5.16
CA ILE B 187 16.07 21.56 3.92
C ILE B 187 17.17 20.52 3.84
N GLN B 188 16.78 19.28 3.55
CA GLN B 188 17.70 18.14 3.57
C GLN B 188 17.62 17.41 2.24
N ALA B 189 18.73 17.39 1.50
CA ALA B 189 18.79 16.60 0.27
C ALA B 189 18.73 15.12 0.61
N THR B 190 17.86 14.39 -0.10
CA THR B 190 17.66 12.98 0.21
C THR B 190 17.31 12.22 -1.06
N CYS B 191 17.66 10.93 -1.07
CA CYS B 191 17.21 9.99 -2.09
C CYS B 191 16.35 8.95 -1.37
N ALA B 192 15.03 9.02 -1.59
CA ALA B 192 14.11 8.20 -0.80
C ALA B 192 14.36 6.71 -1.02
N THR B 193 14.73 6.32 -2.24
CA THR B 193 14.92 4.91 -2.55
C THR B 193 16.23 4.35 -1.99
N SER B 194 17.20 5.20 -1.69
CA SER B 194 18.48 4.76 -1.16
C SER B 194 18.68 5.12 0.30
N GLY B 195 17.65 5.66 0.95
CA GLY B 195 17.73 5.99 2.37
C GLY B 195 18.71 7.09 2.70
N ASP B 196 19.29 7.70 1.67
CA ASP B 196 20.30 8.74 1.89
C ASP B 196 19.62 10.02 2.38
N GLY B 197 20.17 10.58 3.47
CA GLY B 197 19.70 11.83 4.02
C GLY B 197 18.54 11.73 4.99
N LEU B 198 17.80 10.62 4.96
CA LEU B 198 16.59 10.52 5.78
C LEU B 198 16.90 10.74 7.26
N TYR B 199 17.93 10.09 7.78
CA TYR B 199 18.22 10.18 9.20
C TYR B 199 18.98 11.45 9.57
N GLU B 200 19.67 12.08 8.62
CA GLU B 200 20.26 13.38 8.89
C GLU B 200 19.18 14.42 9.17
N GLY B 201 18.13 14.46 8.34
CA GLY B 201 17.01 15.32 8.62
C GLY B 201 16.28 14.93 9.90
N LEU B 202 16.16 13.62 10.14
CA LEU B 202 15.60 13.16 11.40
C LEU B 202 16.48 13.55 12.58
N ASP B 203 17.80 13.62 12.38
CA ASP B 203 18.69 14.17 13.39
C ASP B 203 18.33 15.62 13.68
N TRP B 204 18.24 16.44 12.65
CA TRP B 204 17.87 17.84 12.83
C TRP B 204 16.50 17.96 13.49
N LEU B 205 15.53 17.16 13.03
CA LEU B 205 14.17 17.26 13.55
C LEU B 205 14.15 16.98 15.06
N SER B 206 14.81 15.90 15.48
CA SER B 206 14.80 15.55 16.90
C SER B 206 15.58 16.55 17.74
N ASN B 207 16.71 17.04 17.22
CA ASN B 207 17.47 18.05 17.96
C ASN B 207 16.65 19.30 18.22
N GLN B 208 15.74 19.63 17.31
CA GLN B 208 14.89 20.81 17.48
C GLN B 208 13.75 20.59 18.45
N LEU B 209 13.39 19.33 18.72
CA LEU B 209 12.23 19.04 19.57
C LEU B 209 12.67 18.46 20.91
#